data_2PJ4
#
_entry.id   2PJ4
#
_cell.length_a   90.069
_cell.length_b   90.069
_cell.length_c   173.666
_cell.angle_alpha   90.00
_cell.angle_beta   90.00
_cell.angle_gamma   90.00
#
_symmetry.space_group_name_H-M   'P 41 21 2'
#
loop_
_entity.id
_entity.type
_entity.pdbx_description
1 polymer 'Carboxypeptidase B'
2 non-polymer 'ZINC ION'
3 non-polymer '(5R,6R,8S)-8-(3-{[AMINO(IMINO)METHYL]AMINO}PHENYL)-5-CYCLOHEXYL-6-HYDROXY-3-OXO-1-PHENYL-2,7-DIOXA-4-AZA-6-PHOSPHANONAN-9-OIC ACID 6-OXIDE'
4 water water
#
_entity_poly.entity_id   1
_entity_poly.type   'polypeptide(L)'
_entity_poly.pdbx_seq_one_letter_code
;TTGHSYEKYNNWETIEAWTKQVTSENPDLISRTAIGTTFLGNNIYLLKVGKPGPNKPAIFMDCGFHAREWISHAFCQWFV
REAVLTYGYESHMTEFLNKLDFYVLPVLNIDGYIYTWTKNRMWRKTRSTNAGTTCIGTDPNRNFDAGWCTTGASTDPCDE
TYCGSAAESEKETKALADFIRNNLSSIKAYLTIHSYSQMILYPYSYDYKLPENNAELNNLAKAAVKELATLYGTKYTYGP
GATTIYPAAGGSDDWAYDQGIKYSFTFELRDKGRYGFILPESQIQATCEETMLAIKYVTNYVLGHL
;
_entity_poly.pdbx_strand_id   A,B
#
loop_
_chem_comp.id
_chem_comp.type
_chem_comp.name
_chem_comp.formula
414 non-polymer '(5R,6R,8S)-8-(3-{[AMINO(IMINO)METHYL]AMINO}PHENYL)-5-CYCLOHEXYL-6-HYDROXY-3-OXO-1-PHENYL-2,7-DIOXA-4-AZA-6-PHOSPHANONAN-9-OIC ACID 6-OXIDE' 'C24 H31 N4 O7 P'
ZN non-polymer 'ZINC ION' 'Zn 2'
#
# COMPACT_ATOMS: atom_id res chain seq x y z
N GLY A 3 -3.86 25.56 10.19
CA GLY A 3 -2.62 25.91 10.86
C GLY A 3 -1.48 24.98 10.46
N HIS A 4 -0.34 25.55 10.12
CA HIS A 4 0.80 24.78 9.65
C HIS A 4 1.61 24.21 10.81
N SER A 5 2.20 23.04 10.57
CA SER A 5 3.11 22.42 11.53
C SER A 5 4.18 21.68 10.74
N TYR A 6 5.41 21.71 11.23
CA TYR A 6 6.50 20.97 10.59
C TYR A 6 6.58 19.54 11.10
N GLU A 7 5.74 19.19 12.06
CA GLU A 7 5.77 17.86 12.68
C GLU A 7 4.55 17.04 12.31
N LYS A 8 3.74 17.57 11.39
CA LYS A 8 2.53 16.92 10.95
C LYS A 8 2.42 17.13 9.45
N TYR A 9 1.59 16.34 8.79
CA TYR A 9 1.38 16.55 7.36
C TYR A 9 0.33 17.62 7.10
N ASN A 10 0.65 18.57 6.23
CA ASN A 10 -0.25 19.69 5.93
C ASN A 10 -0.94 19.47 4.60
N ASN A 11 -2.19 19.92 4.49
CA ASN A 11 -2.88 19.84 3.20
C ASN A 11 -2.45 21.00 2.31
N TRP A 12 -2.87 20.98 1.04
CA TRP A 12 -2.35 21.96 0.09
C TRP A 12 -2.67 23.41 0.44
N GLU A 13 -3.86 23.68 0.99
CA GLU A 13 -4.18 25.03 1.42
C GLU A 13 -3.17 25.51 2.45
N THR A 14 -2.93 24.68 3.47
CA THR A 14 -1.95 25.02 4.49
C THR A 14 -0.54 25.19 3.88
N ILE A 15 -0.17 24.31 2.96
CA ILE A 15 1.14 24.42 2.34
C ILE A 15 1.25 25.69 1.49
N GLU A 16 0.23 25.95 0.68
CA GLU A 16 0.25 27.17 -0.11
C GLU A 16 0.38 28.40 0.78
N ALA A 17 -0.43 28.46 1.84
CA ALA A 17 -0.39 29.60 2.76
C ALA A 17 0.99 29.70 3.39
N TRP A 18 1.60 28.55 3.65
CA TRP A 18 2.93 28.53 4.23
C TRP A 18 4.00 29.11 3.32
N THR A 19 3.91 28.84 2.01
CA THR A 19 4.93 29.32 1.09
C THR A 19 4.89 30.85 1.05
N LYS A 20 3.68 31.40 1.16
CA LYS A 20 3.49 32.84 1.17
C LYS A 20 3.98 33.45 2.49
N GLN A 21 3.67 32.75 3.58
CA GLN A 21 3.98 33.22 4.93
C GLN A 21 5.48 33.16 5.22
N VAL A 22 6.09 32.03 4.90
CA VAL A 22 7.50 31.84 5.18
C VAL A 22 8.35 32.77 4.30
N THR A 23 7.83 33.11 3.13
CA THR A 23 8.50 34.07 2.25
C THR A 23 8.46 35.47 2.85
N SER A 24 7.32 35.87 3.39
CA SER A 24 7.13 37.24 3.84
C SER A 24 7.95 37.53 5.09
N GLU A 25 8.25 36.49 5.86
CA GLU A 25 8.97 36.65 7.11
C GLU A 25 10.48 36.57 6.93
N ASN A 26 10.90 36.11 5.75
CA ASN A 26 12.32 35.95 5.47
C ASN A 26 12.69 36.55 4.12
N PRO A 27 12.22 37.78 3.85
CA PRO A 27 12.43 38.42 2.54
C PRO A 27 13.92 38.59 2.24
N ASP A 28 14.74 38.40 3.26
CA ASP A 28 16.19 38.51 3.11
C ASP A 28 16.83 37.22 2.64
N LEU A 29 16.12 36.11 2.77
CA LEU A 29 16.63 34.79 2.39
C LEU A 29 15.74 34.04 1.40
N ILE A 30 14.50 34.48 1.23
CA ILE A 30 13.56 33.77 0.39
C ILE A 30 12.77 34.65 -0.58
N SER A 31 12.83 34.32 -1.86
CA SER A 31 11.84 34.83 -2.80
C SER A 31 10.96 33.69 -3.32
N ARG A 32 9.80 34.03 -3.84
CA ARG A 32 8.81 33.05 -4.25
C ARG A 32 8.21 33.38 -5.61
N THR A 33 8.24 32.42 -6.51
CA THR A 33 7.56 32.55 -7.79
C THR A 33 6.67 31.34 -8.03
N ALA A 34 5.85 31.43 -9.07
CA ALA A 34 5.17 30.26 -9.62
C ALA A 34 5.70 30.00 -11.02
N ILE A 35 6.06 28.75 -11.30
CA ILE A 35 6.72 28.42 -12.56
C ILE A 35 5.73 27.89 -13.60
N GLY A 36 4.46 27.88 -13.22
CA GLY A 36 3.42 27.35 -14.10
C GLY A 36 2.20 26.96 -13.29
N THR A 37 1.21 26.33 -13.94
CA THR A 37 0.04 25.84 -13.24
C THR A 37 -0.21 24.37 -13.55
N THR A 38 -0.97 23.71 -12.67
CA THR A 38 -1.31 22.29 -12.83
C THR A 38 -2.49 22.12 -13.77
N PHE A 39 -2.80 20.85 -14.08
CA PHE A 39 -3.95 20.55 -14.92
C PHE A 39 -5.21 21.23 -14.40
N LEU A 40 -5.32 21.36 -13.09
CA LEU A 40 -6.55 21.90 -12.52
C LEU A 40 -6.47 23.41 -12.28
N GLY A 41 -5.30 23.99 -12.52
CA GLY A 41 -5.17 25.43 -12.39
C GLY A 41 -4.46 25.92 -11.13
N ASN A 42 -3.98 25.00 -10.32
CA ASN A 42 -3.24 25.37 -9.12
C ASN A 42 -1.85 25.88 -9.48
N ASN A 43 -1.36 26.86 -8.72
CA ASN A 43 -0.03 27.43 -8.95
C ASN A 43 1.06 26.54 -8.39
N ILE A 44 2.04 26.22 -9.23
CA ILE A 44 3.21 25.47 -8.80
C ILE A 44 4.23 26.46 -8.25
N TYR A 45 4.33 26.55 -6.93
CA TYR A 45 5.22 27.51 -6.30
C TYR A 45 6.64 27.00 -6.18
N LEU A 46 7.60 27.90 -6.39
CA LEU A 46 9.01 27.61 -6.20
C LEU A 46 9.61 28.64 -5.24
N LEU A 47 10.42 28.17 -4.30
CA LEU A 47 11.10 29.05 -3.37
C LEU A 47 12.59 29.11 -3.66
N LYS A 48 13.12 30.33 -3.76
CA LYS A 48 14.55 30.53 -3.93
C LYS A 48 15.15 30.94 -2.60
N VAL A 49 15.94 30.05 -2.00
CA VAL A 49 16.51 30.30 -0.69
C VAL A 49 17.99 30.64 -0.78
N GLY A 50 18.36 31.77 -0.20
CA GLY A 50 19.75 32.20 -0.25
C GLY A 50 19.94 33.69 -0.01
N LYS A 51 21.17 34.08 0.30
CA LYS A 51 21.56 35.48 0.36
C LYS A 51 21.80 35.97 -1.06
N PRO A 52 20.94 36.86 -1.56
CA PRO A 52 21.02 37.33 -2.94
C PRO A 52 22.40 37.89 -3.31
N GLY A 53 22.81 37.66 -4.55
CA GLY A 53 24.11 38.09 -5.00
C GLY A 53 24.25 37.86 -6.50
N PRO A 54 25.32 38.39 -7.12
CA PRO A 54 25.52 38.25 -8.56
C PRO A 54 25.80 36.82 -8.98
N ASN A 55 25.20 36.40 -10.10
CA ASN A 55 25.43 35.09 -10.69
C ASN A 55 25.84 34.01 -9.68
N LYS A 56 24.94 33.71 -8.75
CA LYS A 56 25.14 32.60 -7.82
C LYS A 56 24.76 31.29 -8.49
N PRO A 57 25.59 30.24 -8.29
CA PRO A 57 25.22 28.88 -8.66
C PRO A 57 24.06 28.42 -7.80
N ALA A 58 23.37 27.35 -8.23
CA ALA A 58 22.18 26.91 -7.52
C ALA A 58 22.12 25.40 -7.38
N ILE A 59 21.39 24.95 -6.37
CA ILE A 59 20.97 23.56 -6.27
C ILE A 59 19.45 23.53 -6.35
N PHE A 60 18.90 22.56 -7.08
CA PHE A 60 17.46 22.47 -7.26
C PHE A 60 16.94 21.18 -6.63
N MET A 61 15.96 21.31 -5.73
CA MET A 61 15.34 20.17 -5.09
C MET A 61 13.84 20.27 -5.19
N ASP A 62 13.18 19.17 -5.54
CA ASP A 62 11.73 19.15 -5.57
C ASP A 62 11.20 18.01 -4.73
N CYS A 63 9.97 18.19 -4.25
CA CYS A 63 9.27 17.18 -3.48
C CYS A 63 7.90 17.02 -4.10
N GLY A 64 7.18 15.98 -3.71
CA GLY A 64 5.80 15.87 -4.11
C GLY A 64 5.55 15.54 -5.56
N PHE A 65 6.52 14.91 -6.22
CA PHE A 65 6.26 14.30 -7.53
C PHE A 65 5.08 13.35 -7.41
N HIS A 66 5.11 12.51 -6.39
CA HIS A 66 4.07 11.49 -6.26
C HIS A 66 3.17 11.74 -5.06
N ALA A 67 1.87 11.78 -5.33
CA ALA A 67 0.91 12.39 -4.41
C ALA A 67 0.92 11.71 -3.05
N ARG A 68 1.02 10.40 -3.05
CA ARG A 68 0.84 9.63 -1.81
C ARG A 68 2.05 9.64 -0.89
N GLU A 69 3.19 10.11 -1.39
CA GLU A 69 4.45 10.03 -0.63
C GLU A 69 4.64 11.26 0.28
N TRP A 70 3.83 11.33 1.35
CA TRP A 70 3.68 12.56 2.12
C TRP A 70 4.94 13.05 2.84
N ILE A 71 5.75 12.13 3.34
CA ILE A 71 7.00 12.51 4.02
C ILE A 71 7.90 13.30 3.06
N SER A 72 7.69 13.12 1.76
CA SER A 72 8.40 13.92 0.77
C SER A 72 8.06 15.40 0.91
N HIS A 73 6.77 15.72 0.78
CA HIS A 73 6.31 17.11 0.90
C HIS A 73 6.75 17.68 2.24
N ALA A 74 6.71 16.84 3.27
CA ALA A 74 7.05 17.27 4.63
C ALA A 74 8.50 17.75 4.71
N PHE A 75 9.36 17.13 3.91
CA PHE A 75 10.79 17.41 4.03
C PHE A 75 11.18 18.73 3.39
N CYS A 76 10.60 19.07 2.24
CA CYS A 76 10.95 20.33 1.58
C CYS A 76 10.63 21.46 2.54
N GLN A 77 9.52 21.33 3.26
CA GLN A 77 9.16 22.34 4.24
C GLN A 77 10.16 22.38 5.40
N TRP A 78 10.50 21.20 5.92
CA TRP A 78 11.46 21.14 7.02
C TRP A 78 12.78 21.81 6.64
N PHE A 79 13.21 21.53 5.41
CA PHE A 79 14.47 22.03 4.89
C PHE A 79 14.48 23.55 4.89
N VAL A 80 13.41 24.13 4.34
CA VAL A 80 13.28 25.58 4.24
C VAL A 80 13.40 26.26 5.60
N ARG A 81 12.76 25.68 6.61
CA ARG A 81 12.85 26.26 7.94
C ARG A 81 14.26 26.12 8.52
N GLU A 82 14.92 25.01 8.22
CA GLU A 82 16.28 24.78 8.71
C GLU A 82 17.23 25.81 8.13
N ALA A 83 17.11 26.04 6.84
CA ALA A 83 17.96 27.01 6.16
C ALA A 83 17.82 28.40 6.80
N VAL A 84 16.58 28.83 7.02
CA VAL A 84 16.34 30.20 7.48
C VAL A 84 16.53 30.40 8.97
N LEU A 85 16.29 29.35 9.76
CA LEU A 85 16.50 29.44 11.19
C LEU A 85 17.98 29.33 11.54
N THR A 86 18.71 28.49 10.81
CA THR A 86 20.10 28.23 11.17
C THR A 86 21.09 29.09 10.40
N TYR A 87 20.60 29.92 9.48
CA TYR A 87 21.49 30.84 8.79
C TYR A 87 22.15 31.79 9.79
N GLY A 88 23.48 31.89 9.70
CA GLY A 88 24.22 32.76 10.59
C GLY A 88 24.69 32.09 11.87
N TYR A 89 24.05 31.00 12.25
CA TYR A 89 24.28 30.36 13.54
C TYR A 89 24.95 28.99 13.40
N GLU A 90 24.66 28.32 12.30
CA GLU A 90 25.33 27.07 11.97
C GLU A 90 26.22 27.35 10.77
N SER A 91 27.52 27.13 10.92
CA SER A 91 28.51 27.60 9.96
C SER A 91 28.27 27.12 8.53
N HIS A 92 27.89 25.85 8.39
CA HIS A 92 27.82 25.27 7.07
C HIS A 92 26.67 25.82 6.24
N MET A 93 25.50 25.96 6.85
CA MET A 93 24.35 26.52 6.13
C MET A 93 24.55 28.00 5.86
N THR A 94 25.27 28.68 6.74
CA THR A 94 25.64 30.07 6.51
C THR A 94 26.52 30.20 5.26
N GLU A 95 27.53 29.35 5.16
CA GLU A 95 28.35 29.34 3.95
C GLU A 95 27.49 28.98 2.74
N PHE A 96 26.62 27.97 2.88
CA PHE A 96 25.78 27.51 1.79
C PHE A 96 24.96 28.63 1.18
N LEU A 97 24.27 29.42 2.03
CA LEU A 97 23.31 30.39 1.52
C LEU A 97 23.99 31.64 0.98
N ASN A 98 25.21 31.90 1.44
CA ASN A 98 26.00 33.01 0.93
C ASN A 98 26.58 32.69 -0.45
N LYS A 99 26.96 31.44 -0.63
CA LYS A 99 27.63 31.03 -1.87
C LYS A 99 26.69 30.52 -2.96
N LEU A 100 25.57 29.91 -2.57
CA LEU A 100 24.61 29.42 -3.56
C LEU A 100 23.15 29.65 -3.20
N ASP A 101 22.27 29.31 -4.12
CA ASP A 101 20.83 29.36 -3.88
C ASP A 101 20.27 27.95 -3.91
N PHE A 102 19.34 27.66 -3.00
CA PHE A 102 18.56 26.44 -3.08
C PHE A 102 17.22 26.76 -3.72
N TYR A 103 16.94 26.14 -4.87
CA TYR A 103 15.59 26.15 -5.44
C TYR A 103 14.81 24.96 -4.88
N VAL A 104 13.84 25.24 -4.02
CA VAL A 104 13.00 24.20 -3.44
C VAL A 104 11.60 24.28 -4.03
N LEU A 105 11.14 23.18 -4.66
CA LEU A 105 9.78 23.11 -5.18
C LEU A 105 9.02 22.20 -4.25
N PRO A 106 8.22 22.78 -3.35
CA PRO A 106 7.60 22.05 -2.24
C PRO A 106 6.70 20.91 -2.68
N VAL A 107 5.88 21.15 -3.71
CA VAL A 107 4.98 20.14 -4.22
C VAL A 107 4.80 20.31 -5.73
N LEU A 108 5.30 19.34 -6.50
CA LEU A 108 5.12 19.39 -7.94
C LEU A 108 3.71 18.96 -8.32
N ASN A 109 3.34 17.77 -7.88
CA ASN A 109 2.06 17.17 -8.20
C ASN A 109 1.01 17.61 -7.18
N ILE A 110 0.54 18.83 -7.33
CA ILE A 110 -0.40 19.43 -6.39
C ILE A 110 -1.81 18.84 -6.50
N ASP A 111 -2.26 18.57 -7.73
CA ASP A 111 -3.61 18.04 -7.95
C ASP A 111 -3.74 16.64 -7.36
N GLY A 112 -2.72 15.82 -7.59
CA GLY A 112 -2.72 14.49 -7.02
C GLY A 112 -2.71 14.56 -5.51
N TYR A 113 -1.90 15.48 -4.96
CA TYR A 113 -1.76 15.55 -3.52
C TYR A 113 -3.07 15.96 -2.85
N ILE A 114 -3.80 16.87 -3.49
CA ILE A 114 -5.13 17.25 -3.00
C ILE A 114 -5.99 16.00 -2.93
N TYR A 115 -5.87 15.18 -3.97
CA TYR A 115 -6.72 14.01 -4.14
C TYR A 115 -6.48 12.97 -3.06
N THR A 116 -5.24 12.87 -2.59
CA THR A 116 -4.92 11.93 -1.52
C THR A 116 -5.49 12.42 -0.18
N TRP A 117 -5.80 13.71 -0.11
CA TRP A 117 -6.47 14.27 1.06
C TRP A 117 -7.98 14.13 0.97
N THR A 118 -8.51 14.23 -0.24
CA THR A 118 -9.96 14.28 -0.39
C THR A 118 -10.60 12.92 -0.68
N LYS A 119 -9.90 12.05 -1.40
CA LYS A 119 -10.53 10.85 -1.97
C LYS A 119 -9.72 9.56 -1.84
N ASN A 120 -8.46 9.58 -2.23
CA ASN A 120 -7.68 8.36 -2.35
C ASN A 120 -6.26 8.56 -1.84
N ARG A 121 -6.04 8.25 -0.56
CA ARG A 121 -4.75 8.44 0.08
C ARG A 121 -3.58 7.75 -0.65
N MET A 122 -3.89 6.73 -1.45
CA MET A 122 -2.86 5.96 -2.15
C MET A 122 -2.65 6.39 -3.60
N TRP A 123 -3.20 7.55 -3.97
CA TRP A 123 -3.06 8.02 -5.34
C TRP A 123 -1.61 8.44 -5.62
N ARG A 124 -1.16 8.20 -6.84
CA ARG A 124 0.23 8.42 -7.26
C ARG A 124 0.38 9.47 -8.37
N LYS A 125 -0.42 9.32 -9.41
CA LYS A 125 -0.27 10.10 -10.65
C LYS A 125 -0.85 11.50 -10.57
N THR A 126 -0.74 12.25 -11.67
CA THR A 126 -1.42 13.52 -11.80
C THR A 126 -2.92 13.27 -11.87
N ARG A 127 -3.69 14.33 -12.12
CA ARG A 127 -5.14 14.19 -12.23
C ARG A 127 -5.67 14.75 -13.55
N SER A 128 -4.86 14.66 -14.61
CA SER A 128 -5.30 15.07 -15.92
C SER A 128 -6.13 13.96 -16.57
N THR A 129 -6.93 14.33 -17.56
CA THR A 129 -7.79 13.38 -18.27
C THR A 129 -7.05 12.72 -19.43
N ASN A 130 -7.52 11.55 -19.83
CA ASN A 130 -7.01 10.84 -21.00
C ASN A 130 -8.15 10.47 -21.93
N ALA A 131 -8.01 10.81 -23.21
CA ALA A 131 -9.07 10.56 -24.18
C ALA A 131 -9.37 9.07 -24.31
N GLY A 132 -10.65 8.74 -24.43
CA GLY A 132 -11.05 7.37 -24.74
C GLY A 132 -11.15 6.48 -23.53
N THR A 133 -11.01 7.07 -22.35
CA THR A 133 -11.01 6.30 -21.11
C THR A 133 -11.39 7.17 -19.90
N THR A 134 -11.91 6.52 -18.87
CA THR A 134 -12.22 7.20 -17.61
C THR A 134 -11.01 7.12 -16.68
N CYS A 135 -9.99 6.37 -17.09
CA CYS A 135 -8.78 6.30 -16.28
C CYS A 135 -8.08 7.65 -16.25
N ILE A 136 -7.73 8.07 -15.04
CA ILE A 136 -7.18 9.40 -14.79
C ILE A 136 -5.69 9.32 -14.52
N GLY A 137 -4.94 10.27 -15.07
CA GLY A 137 -3.60 10.52 -14.57
C GLY A 137 -2.44 10.00 -15.41
N THR A 138 -1.36 10.76 -15.43
CA THR A 138 -0.09 10.31 -15.99
C THR A 138 0.88 10.21 -14.81
N ASP A 139 1.94 9.43 -14.96
CA ASP A 139 2.96 9.35 -13.92
C ASP A 139 4.01 10.41 -14.24
N PRO A 140 4.15 11.41 -13.36
CA PRO A 140 5.08 12.53 -13.56
C PRO A 140 6.50 12.04 -13.82
N ASN A 141 6.86 10.91 -13.21
CA ASN A 141 8.23 10.45 -13.28
C ASN A 141 8.45 9.40 -14.37
N ARG A 142 7.53 9.33 -15.33
CA ARG A 142 7.76 8.61 -16.58
C ARG A 142 7.54 9.55 -17.75
N ASN A 143 7.45 10.85 -17.47
CA ASN A 143 6.92 11.80 -18.44
C ASN A 143 7.98 12.76 -18.95
N PHE A 144 9.23 12.57 -18.52
CA PHE A 144 10.33 13.39 -19.00
C PHE A 144 10.99 12.75 -20.21
N ASP A 145 11.70 13.58 -20.98
CA ASP A 145 12.27 13.17 -22.25
C ASP A 145 13.61 12.49 -22.06
N ALA A 146 13.60 11.37 -21.34
CA ALA A 146 14.80 10.58 -21.12
C ALA A 146 14.51 9.11 -21.41
N GLY A 147 14.91 8.66 -22.61
CA GLY A 147 14.53 7.34 -23.07
C GLY A 147 13.03 7.14 -22.95
N TRP A 148 12.28 8.23 -23.18
CA TRP A 148 10.87 8.26 -22.84
C TRP A 148 10.06 7.02 -23.26
N CYS A 149 9.40 6.43 -22.28
CA CYS A 149 8.49 5.28 -22.44
C CYS A 149 9.10 4.04 -23.09
N THR A 150 10.41 3.86 -22.96
CA THR A 150 11.06 2.72 -23.59
C THR A 150 11.18 1.52 -22.65
N THR A 151 11.11 1.77 -21.35
CA THR A 151 11.14 0.67 -20.38
C THR A 151 10.63 1.11 -19.01
N GLY A 152 10.05 0.17 -18.29
CA GLY A 152 9.54 0.48 -16.96
C GLY A 152 8.37 1.44 -16.95
N ALA A 153 7.75 1.68 -18.09
CA ALA A 153 6.63 2.60 -18.19
C ALA A 153 5.51 1.98 -19.02
N SER A 154 4.26 2.28 -18.68
CA SER A 154 3.13 1.73 -19.42
C SER A 154 2.56 2.72 -20.42
N THR A 155 1.99 2.20 -21.50
CA THR A 155 1.32 3.04 -22.49
C THR A 155 -0.18 2.90 -22.27
N ASP A 156 -0.54 2.23 -21.18
CA ASP A 156 -1.93 2.16 -20.75
C ASP A 156 -2.21 3.28 -19.74
N PRO A 157 -3.19 4.15 -20.03
CA PRO A 157 -3.57 5.27 -19.16
C PRO A 157 -4.03 4.82 -17.79
N CYS A 158 -4.52 3.57 -17.72
CA CYS A 158 -5.04 3.04 -16.47
C CYS A 158 -3.93 2.59 -15.54
N ASP A 159 -2.71 2.46 -16.04
CA ASP A 159 -1.60 1.97 -15.22
C ASP A 159 -0.95 3.05 -14.36
N GLU A 160 -0.33 2.62 -13.26
CA GLU A 160 0.25 3.53 -12.29
C GLU A 160 1.51 4.20 -12.84
N THR A 161 2.14 3.59 -13.83
CA THR A 161 3.32 4.19 -14.47
C THR A 161 3.03 4.66 -15.89
N TYR A 162 1.78 5.03 -16.17
CA TYR A 162 1.44 5.54 -17.49
C TYR A 162 2.37 6.70 -17.83
N CYS A 163 3.03 6.60 -18.98
CA CYS A 163 4.08 7.53 -19.36
C CYS A 163 3.52 8.78 -20.05
N GLY A 164 2.23 8.79 -20.31
CA GLY A 164 1.60 9.98 -20.90
C GLY A 164 1.49 9.89 -22.41
N SER A 165 0.85 10.88 -23.00
CA SER A 165 0.64 10.89 -24.44
C SER A 165 1.92 11.25 -25.20
N ALA A 166 2.76 12.03 -24.56
CA ALA A 166 4.09 12.36 -25.07
C ALA A 166 4.91 12.85 -23.90
N ALA A 167 6.23 12.87 -24.05
CA ALA A 167 7.10 13.46 -23.04
C ALA A 167 6.62 14.89 -22.78
N GLU A 168 6.58 15.27 -21.51
CA GLU A 168 6.16 16.62 -21.11
C GLU A 168 4.73 16.96 -21.54
N SER A 169 3.88 15.93 -21.65
CA SER A 169 2.47 16.16 -21.91
C SER A 169 1.81 16.83 -20.71
N GLU A 170 2.34 16.58 -19.52
CA GLU A 170 1.78 17.16 -18.30
C GLU A 170 2.24 18.59 -18.09
N LYS A 171 1.29 19.48 -17.83
CA LYS A 171 1.63 20.88 -17.57
C LYS A 171 2.68 20.99 -16.47
N GLU A 172 2.65 20.06 -15.52
CA GLU A 172 3.57 20.09 -14.37
C GLU A 172 5.00 19.74 -14.76
N THR A 173 5.15 18.67 -15.53
CA THR A 173 6.49 18.25 -15.94
C THR A 173 7.08 19.24 -16.95
N LYS A 174 6.22 19.78 -17.82
CA LYS A 174 6.61 20.84 -18.73
C LYS A 174 7.13 22.07 -17.98
N ALA A 175 6.39 22.50 -16.96
CA ALA A 175 6.79 23.65 -16.15
C ALA A 175 8.16 23.46 -15.48
N LEU A 176 8.41 22.26 -14.97
CA LEU A 176 9.66 21.99 -14.25
C LEU A 176 10.82 21.91 -15.25
N ALA A 177 10.61 21.18 -16.33
CA ALA A 177 11.63 21.06 -17.36
C ALA A 177 11.96 22.45 -17.91
N ASP A 178 10.93 23.24 -18.19
CA ASP A 178 11.13 24.58 -18.75
C ASP A 178 12.02 25.42 -17.84
N PHE A 179 11.74 25.38 -16.54
CA PHE A 179 12.50 26.15 -15.58
C PHE A 179 13.96 25.69 -15.55
N ILE A 180 14.16 24.37 -15.44
CA ILE A 180 15.50 23.82 -15.42
C ILE A 180 16.25 24.18 -16.70
N ARG A 181 15.58 24.02 -17.84
CA ARG A 181 16.21 24.27 -19.12
C ARG A 181 16.64 25.72 -19.29
N ASN A 182 16.00 26.62 -18.56
CA ASN A 182 16.26 28.05 -18.70
C ASN A 182 17.26 28.54 -17.65
N ASN A 183 17.61 27.64 -16.73
CA ASN A 183 18.56 27.98 -15.67
C ASN A 183 19.72 27.01 -15.63
N LEU A 184 20.04 26.41 -16.78
CA LEU A 184 21.09 25.41 -16.86
C LEU A 184 22.45 25.93 -16.40
N SER A 185 22.72 27.21 -16.65
CA SER A 185 24.04 27.75 -16.37
C SER A 185 24.35 27.81 -14.88
N SER A 186 23.30 27.90 -14.05
CA SER A 186 23.50 28.05 -12.60
C SER A 186 23.28 26.76 -11.78
N ILE A 187 22.37 25.90 -12.21
CA ILE A 187 22.04 24.70 -11.42
C ILE A 187 23.14 23.66 -11.52
N LYS A 188 23.75 23.33 -10.38
CA LYS A 188 24.87 22.39 -10.36
C LYS A 188 24.50 21.01 -9.84
N ALA A 189 23.40 20.92 -9.10
CA ALA A 189 22.90 19.64 -8.63
C ALA A 189 21.39 19.57 -8.76
N TYR A 190 20.87 18.36 -8.93
CA TYR A 190 19.43 18.13 -8.96
C TYR A 190 19.08 17.02 -7.96
N LEU A 191 18.18 17.32 -7.01
CA LEU A 191 17.75 16.35 -6.02
C LEU A 191 16.22 16.20 -6.01
N THR A 192 15.75 14.98 -6.19
CA THR A 192 14.32 14.74 -6.18
C THR A 192 13.92 13.72 -5.12
N ILE A 193 12.96 14.13 -4.27
CA ILE A 193 12.66 13.44 -3.03
C ILE A 193 11.41 12.57 -3.15
N HIS A 194 11.58 11.27 -3.02
CA HIS A 194 10.47 10.33 -3.02
C HIS A 194 10.46 9.53 -1.70
N SER A 195 9.47 8.65 -1.55
CA SER A 195 9.51 7.60 -0.54
C SER A 195 8.76 6.39 -1.13
N TYR A 196 8.96 5.20 -0.56
CA TYR A 196 9.90 4.95 0.54
C TYR A 196 10.99 4.00 0.07
N SER A 197 11.93 3.69 0.97
CA SER A 197 12.91 2.61 0.77
C SER A 197 14.24 2.84 1.49
N GLN A 198 14.51 4.09 1.88
CA GLN A 198 15.80 4.41 2.49
C GLN A 198 16.94 4.14 1.52
N MET A 199 16.93 4.89 0.41
CA MET A 199 17.96 4.79 -0.60
C MET A 199 18.33 6.14 -1.18
N ILE A 200 19.53 6.20 -1.73
CA ILE A 200 19.93 7.28 -2.62
C ILE A 200 20.31 6.68 -3.99
N LEU A 201 19.59 7.09 -5.02
CA LEU A 201 19.83 6.56 -6.35
C LEU A 201 20.42 7.64 -7.27
N TYR A 202 21.26 7.20 -8.20
CA TYR A 202 21.74 8.06 -9.28
C TYR A 202 21.50 7.33 -10.61
N PRO A 203 21.71 8.02 -11.73
CA PRO A 203 21.38 7.43 -13.04
C PRO A 203 22.14 6.13 -13.29
N TYR A 204 21.68 5.30 -14.22
CA TYR A 204 20.47 5.56 -15.00
C TYR A 204 19.39 4.54 -14.65
N SER A 205 18.17 4.82 -15.11
CA SER A 205 17.05 3.90 -14.97
C SER A 205 16.42 3.59 -16.32
N TYR A 206 16.64 4.47 -17.31
CA TYR A 206 16.07 4.22 -18.63
C TYR A 206 16.95 3.28 -19.46
N ASP A 207 18.12 2.94 -18.91
CA ASP A 207 19.00 1.93 -19.52
C ASP A 207 19.99 1.52 -18.44
N TYR A 208 20.83 0.53 -18.74
CA TYR A 208 21.68 -0.07 -17.71
C TYR A 208 23.13 0.42 -17.75
N LYS A 209 23.38 1.43 -18.59
CA LYS A 209 24.64 2.16 -18.56
C LYS A 209 24.68 3.01 -17.29
N LEU A 210 25.90 3.38 -16.86
CA LEU A 210 26.11 4.17 -15.65
C LEU A 210 26.60 5.56 -16.04
N PRO A 211 26.58 6.52 -15.11
CA PRO A 211 27.06 7.87 -15.45
C PRO A 211 28.54 7.95 -15.84
N GLU A 212 28.92 9.00 -16.57
CA GLU A 212 30.31 9.23 -16.92
C GLU A 212 31.15 9.43 -15.66
N ASN A 213 30.54 10.01 -14.62
CA ASN A 213 31.22 10.13 -13.34
C ASN A 213 30.66 9.14 -12.34
N ASN A 214 30.73 7.87 -12.71
CA ASN A 214 30.11 6.80 -11.94
C ASN A 214 30.79 6.68 -10.58
N ALA A 215 32.11 6.49 -10.61
CA ALA A 215 32.86 6.40 -9.37
C ALA A 215 32.54 7.58 -8.45
N GLU A 216 32.46 8.78 -9.00
CA GLU A 216 32.31 9.97 -8.19
C GLU A 216 30.97 9.98 -7.45
N LEU A 217 29.90 9.63 -8.16
CA LEU A 217 28.56 9.61 -7.59
C LEU A 217 28.41 8.45 -6.62
N ASN A 218 29.08 7.34 -6.90
CA ASN A 218 29.05 6.21 -5.98
C ASN A 218 29.72 6.59 -4.65
N ASN A 219 30.89 7.21 -4.72
CA ASN A 219 31.61 7.65 -3.52
C ASN A 219 30.76 8.64 -2.74
N LEU A 220 30.14 9.55 -3.48
CA LEU A 220 29.37 10.62 -2.89
C LEU A 220 28.16 10.05 -2.17
N ALA A 221 27.44 9.14 -2.81
CA ALA A 221 26.28 8.51 -2.17
C ALA A 221 26.72 7.77 -0.91
N LYS A 222 27.75 6.96 -1.04
CA LYS A 222 28.27 6.18 0.09
C LYS A 222 28.57 7.04 1.32
N ALA A 223 29.11 8.23 1.09
CA ALA A 223 29.50 9.10 2.20
C ALA A 223 28.28 9.83 2.76
N ALA A 224 27.31 10.10 1.90
CA ALA A 224 26.05 10.70 2.31
C ALA A 224 25.23 9.78 3.21
N VAL A 225 25.15 8.49 2.86
CA VAL A 225 24.38 7.56 3.67
C VAL A 225 25.10 7.30 5.00
N LYS A 226 26.41 7.48 5.01
CA LYS A 226 27.17 7.38 6.25
C LYS A 226 26.82 8.53 7.20
N GLU A 227 26.76 9.75 6.68
CA GLU A 227 26.40 10.90 7.52
C GLU A 227 24.99 10.75 8.07
N LEU A 228 24.09 10.23 7.25
CA LEU A 228 22.70 10.11 7.65
C LEU A 228 22.54 9.12 8.79
N ALA A 229 23.28 8.01 8.74
CA ALA A 229 23.22 6.99 9.79
C ALA A 229 23.62 7.48 11.17
N THR A 230 24.34 8.59 11.24
CA THR A 230 25.01 8.99 12.47
C THR A 230 24.04 9.40 13.57
N LEU A 231 22.80 9.72 13.19
CA LEU A 231 21.83 10.23 14.15
C LEU A 231 21.14 9.10 14.91
N TYR A 232 20.45 8.23 14.18
CA TYR A 232 19.61 7.19 14.78
C TYR A 232 20.01 5.82 14.28
N GLY A 233 21.01 5.76 13.42
CA GLY A 233 21.51 4.49 12.93
C GLY A 233 20.72 3.97 11.74
N THR A 234 19.95 4.86 11.11
CA THR A 234 19.10 4.45 10.00
C THR A 234 19.99 4.04 8.83
N LYS A 235 19.74 2.85 8.30
CA LYS A 235 20.53 2.27 7.21
C LYS A 235 19.93 2.56 5.84
N TYR A 236 20.63 3.37 5.05
CA TYR A 236 20.30 3.60 3.63
C TYR A 236 21.23 2.78 2.75
N THR A 237 20.74 2.36 1.59
CA THR A 237 21.60 1.82 0.55
C THR A 237 21.59 2.77 -0.66
N TYR A 238 22.38 2.46 -1.68
CA TYR A 238 22.52 3.38 -2.80
C TYR A 238 23.01 2.65 -4.04
N GLY A 239 22.89 3.32 -5.19
CA GLY A 239 23.38 2.76 -6.44
C GLY A 239 22.60 3.31 -7.62
N PRO A 240 22.83 2.77 -8.81
CA PRO A 240 22.12 3.24 -9.99
C PRO A 240 20.66 2.78 -9.95
N GLY A 241 19.76 3.60 -10.47
CA GLY A 241 18.34 3.28 -10.38
C GLY A 241 17.92 1.98 -11.02
N ALA A 242 18.46 1.68 -12.20
CA ALA A 242 17.95 0.60 -13.02
C ALA A 242 18.00 -0.73 -12.28
N THR A 243 19.11 -0.96 -11.58
CA THR A 243 19.32 -2.23 -10.90
C THR A 243 19.14 -2.15 -9.39
N THR A 244 19.14 -0.94 -8.83
CA THR A 244 18.90 -0.80 -7.40
C THR A 244 17.41 -0.81 -7.06
N ILE A 245 16.58 -0.42 -8.02
CA ILE A 245 15.13 -0.42 -7.86
C ILE A 245 14.44 -1.17 -8.98
N TYR A 246 14.44 -0.57 -10.18
CA TYR A 246 13.93 -1.22 -11.39
C TYR A 246 14.13 -0.35 -12.62
N PRO A 247 14.18 -0.97 -13.80
CA PRO A 247 14.21 -0.16 -15.02
C PRO A 247 12.97 0.73 -15.10
N ALA A 248 13.16 2.00 -15.43
CA ALA A 248 12.07 2.96 -15.48
C ALA A 248 12.49 4.22 -16.22
N ALA A 249 12.09 4.31 -17.48
CA ALA A 249 12.45 5.43 -18.34
C ALA A 249 11.61 6.68 -18.02
N GLY A 250 12.11 7.84 -18.43
CA GLY A 250 11.31 9.05 -18.37
C GLY A 250 11.32 9.72 -17.00
N GLY A 251 12.34 9.41 -16.22
CA GLY A 251 12.48 10.01 -14.90
C GLY A 251 13.20 11.34 -14.96
N SER A 252 12.93 12.20 -14.00
CA SER A 252 13.52 13.53 -13.96
C SER A 252 15.01 13.53 -13.58
N ASP A 253 15.44 12.53 -12.82
CA ASP A 253 16.85 12.48 -12.43
C ASP A 253 17.75 12.16 -13.62
N ASP A 254 17.33 11.20 -14.43
CA ASP A 254 18.07 10.84 -15.64
C ASP A 254 18.09 12.03 -16.60
N TRP A 255 16.94 12.69 -16.74
CA TRP A 255 16.82 13.80 -17.67
C TRP A 255 17.69 15.00 -17.26
N ALA A 256 17.60 15.40 -16.00
CA ALA A 256 18.43 16.47 -15.49
C ALA A 256 19.90 16.14 -15.72
N TYR A 257 20.29 14.91 -15.41
CA TYR A 257 21.68 14.52 -15.61
C TYR A 257 22.07 14.67 -17.08
N ASP A 258 21.23 14.18 -17.99
CA ASP A 258 21.56 14.27 -19.41
C ASP A 258 21.45 15.70 -19.93
N GLN A 259 20.90 16.59 -19.10
CA GLN A 259 20.95 18.02 -19.40
C GLN A 259 22.34 18.55 -19.07
N GLY A 260 23.08 17.80 -18.25
CA GLY A 260 24.44 18.19 -17.93
C GLY A 260 24.65 18.50 -16.46
N ILE A 261 23.62 18.27 -15.65
CA ILE A 261 23.77 18.44 -14.22
C ILE A 261 24.44 17.18 -13.65
N LYS A 262 25.69 17.35 -13.21
CA LYS A 262 26.59 16.23 -12.93
C LYS A 262 26.22 15.49 -11.66
N TYR A 263 25.51 16.16 -10.77
CA TYR A 263 25.10 15.56 -9.52
C TYR A 263 23.58 15.51 -9.48
N SER A 264 23.05 14.30 -9.63
CA SER A 264 21.63 14.12 -9.84
C SER A 264 21.19 12.85 -9.11
N PHE A 265 20.37 13.04 -8.07
CA PHE A 265 20.04 11.98 -7.13
C PHE A 265 18.53 11.88 -6.89
N THR A 266 18.01 10.66 -6.83
CA THR A 266 16.67 10.41 -6.31
C THR A 266 16.79 9.88 -4.88
N PHE A 267 16.16 10.57 -3.93
CA PHE A 267 16.11 10.11 -2.55
C PHE A 267 14.84 9.32 -2.26
N GLU A 268 14.99 8.17 -1.64
CA GLU A 268 13.87 7.44 -1.05
C GLU A 268 14.02 7.50 0.46
N LEU A 269 13.07 8.14 1.13
CA LEU A 269 13.17 8.35 2.57
C LEU A 269 12.58 7.16 3.33
N ARG A 270 12.22 7.35 4.60
CA ARG A 270 11.70 6.25 5.42
C ARG A 270 10.31 5.83 4.98
N ASP A 271 9.91 4.60 5.29
CA ASP A 271 10.77 3.63 5.96
C ASP A 271 11.14 2.49 4.99
N LYS A 272 11.10 1.25 5.47
CA LYS A 272 11.41 0.09 4.63
C LYS A 272 10.15 -0.68 4.26
N GLY A 273 8.99 -0.16 4.65
CA GLY A 273 7.74 -0.78 4.27
C GLY A 273 6.83 -1.07 5.43
N ARG A 274 7.35 -0.92 6.65
CA ARG A 274 6.55 -1.22 7.83
C ARG A 274 5.36 -0.28 7.89
N TYR A 275 5.54 0.96 7.48
CA TYR A 275 4.41 1.87 7.28
C TYR A 275 4.32 2.34 5.84
N GLY A 276 5.44 2.23 5.12
CA GLY A 276 5.45 2.63 3.72
C GLY A 276 5.13 4.10 3.51
N PHE A 277 4.18 4.35 2.59
CA PHE A 277 3.75 5.69 2.25
C PHE A 277 3.07 6.37 3.43
N ILE A 278 2.45 5.59 4.31
CA ILE A 278 1.74 6.14 5.46
C ILE A 278 2.65 6.21 6.69
N LEU A 279 3.84 6.79 6.50
CA LEU A 279 4.75 7.03 7.60
C LEU A 279 4.06 7.90 8.65
N PRO A 280 3.96 7.39 9.88
CA PRO A 280 3.28 8.13 10.95
C PRO A 280 3.93 9.48 11.26
N GLU A 281 3.10 10.46 11.60
CA GLU A 281 3.58 11.81 11.90
C GLU A 281 4.67 11.84 12.97
N SER A 282 4.70 10.83 13.82
CA SER A 282 5.70 10.76 14.89
C SER A 282 7.10 10.39 14.37
N GLN A 283 7.22 10.10 13.08
CA GLN A 283 8.53 9.85 12.50
C GLN A 283 9.00 10.98 11.59
N ILE A 284 8.18 12.01 11.44
CA ILE A 284 8.54 13.10 10.52
C ILE A 284 9.86 13.73 10.97
N GLN A 285 9.87 14.24 12.19
CA GLN A 285 11.06 14.95 12.67
C GLN A 285 12.34 14.15 12.53
N ALA A 286 12.34 12.90 12.98
CA ALA A 286 13.58 12.12 13.02
C ALA A 286 14.03 11.81 11.59
N THR A 287 13.07 11.53 10.72
CA THR A 287 13.35 11.29 9.30
C THR A 287 13.98 12.53 8.71
N CYS A 288 13.35 13.67 8.95
CA CYS A 288 13.78 14.93 8.35
C CYS A 288 15.15 15.35 8.87
N GLU A 289 15.39 15.12 10.15
CA GLU A 289 16.69 15.49 10.73
C GLU A 289 17.82 14.69 10.09
N GLU A 290 17.63 13.39 9.92
CA GLU A 290 18.70 12.58 9.37
C GLU A 290 18.89 12.86 7.88
N THR A 291 17.79 13.10 7.17
CA THR A 291 17.86 13.40 5.74
C THR A 291 18.60 14.72 5.49
N MET A 292 18.47 15.68 6.41
CA MET A 292 19.21 16.95 6.32
C MET A 292 20.72 16.76 6.25
N LEU A 293 21.23 15.78 6.99
CA LEU A 293 22.67 15.58 7.05
C LEU A 293 23.18 15.05 5.71
N ALA A 294 22.35 14.25 5.04
CA ALA A 294 22.72 13.72 3.72
C ALA A 294 22.69 14.87 2.71
N ILE A 295 21.64 15.66 2.74
CA ILE A 295 21.49 16.79 1.82
C ILE A 295 22.61 17.80 2.00
N LYS A 296 22.98 18.06 3.25
CA LYS A 296 24.00 19.05 3.52
C LYS A 296 25.39 18.55 3.10
N TYR A 297 25.65 17.26 3.28
CA TYR A 297 26.92 16.67 2.86
C TYR A 297 27.10 16.78 1.35
N VAL A 298 26.06 16.41 0.60
CA VAL A 298 26.08 16.58 -0.84
C VAL A 298 26.27 18.05 -1.21
N THR A 299 25.58 18.93 -0.49
CA THR A 299 25.66 20.35 -0.78
C THR A 299 27.08 20.88 -0.61
N ASN A 300 27.74 20.47 0.47
CA ASN A 300 29.08 20.94 0.75
C ASN A 300 30.04 20.45 -0.33
N TYR A 301 29.85 19.23 -0.79
CA TYR A 301 30.69 18.69 -1.85
C TYR A 301 30.52 19.50 -3.14
N VAL A 302 29.29 19.83 -3.50
CA VAL A 302 29.01 20.62 -4.70
C VAL A 302 29.70 21.97 -4.63
N LEU A 303 29.88 22.48 -3.43
CA LEU A 303 30.65 23.71 -3.23
C LEU A 303 32.05 23.60 -3.81
N GLY A 304 32.57 22.38 -3.88
CA GLY A 304 33.88 22.19 -4.46
C GLY A 304 33.89 22.43 -5.96
N HIS A 305 32.71 22.39 -6.56
CA HIS A 305 32.59 22.57 -8.00
C HIS A 305 31.74 23.78 -8.35
N LEU A 306 32.17 24.92 -7.85
CA LEU A 306 31.65 26.22 -8.27
C LEU A 306 32.86 27.11 -8.60
N GLY B 3 -13.80 -6.00 -17.87
CA GLY B 3 -12.98 -7.10 -17.37
C GLY B 3 -12.97 -7.14 -15.86
N HIS B 4 -11.99 -7.83 -15.29
CA HIS B 4 -11.82 -7.87 -13.84
C HIS B 4 -11.43 -6.50 -13.31
N SER B 5 -11.96 -6.13 -12.15
CA SER B 5 -11.48 -4.95 -11.43
C SER B 5 -11.32 -5.21 -9.92
N TYR B 6 -10.29 -4.62 -9.31
CA TYR B 6 -10.11 -4.75 -7.86
C TYR B 6 -10.94 -3.74 -7.07
N GLU B 7 -11.50 -2.74 -7.76
CA GLU B 7 -12.36 -1.75 -7.11
C GLU B 7 -13.81 -1.88 -7.55
N LYS B 8 -14.17 -3.05 -8.10
CA LYS B 8 -15.57 -3.39 -8.34
C LYS B 8 -15.83 -4.80 -7.84
N TYR B 9 -17.11 -5.17 -7.74
CA TYR B 9 -17.45 -6.54 -7.40
C TYR B 9 -17.56 -7.37 -8.69
N ASN B 10 -16.84 -8.49 -8.71
CA ASN B 10 -16.72 -9.31 -9.92
C ASN B 10 -17.56 -10.59 -9.80
N ASN B 11 -18.32 -10.92 -10.85
CA ASN B 11 -19.10 -12.17 -10.86
C ASN B 11 -18.16 -13.37 -10.91
N TRP B 12 -18.69 -14.56 -10.63
CA TRP B 12 -17.82 -15.72 -10.43
C TRP B 12 -16.97 -16.07 -11.65
N GLU B 13 -17.57 -16.01 -12.83
CA GLU B 13 -16.85 -16.24 -14.07
C GLU B 13 -15.60 -15.36 -14.12
N THR B 14 -15.75 -14.10 -13.72
CA THR B 14 -14.65 -13.15 -13.78
C THR B 14 -13.62 -13.45 -12.69
N ILE B 15 -14.09 -13.91 -11.54
CA ILE B 15 -13.16 -14.24 -10.44
C ILE B 15 -12.40 -15.51 -10.81
N GLU B 16 -13.10 -16.47 -11.40
CA GLU B 16 -12.47 -17.73 -11.78
C GLU B 16 -11.36 -17.51 -12.80
N ALA B 17 -11.65 -16.71 -13.81
CA ALA B 17 -10.64 -16.40 -14.84
C ALA B 17 -9.49 -15.65 -14.18
N TRP B 18 -9.81 -14.84 -13.18
CA TRP B 18 -8.80 -14.09 -12.47
C TRP B 18 -7.82 -15.00 -11.72
N THR B 19 -8.31 -16.09 -11.13
CA THR B 19 -7.42 -16.99 -10.41
C THR B 19 -6.45 -17.63 -11.39
N LYS B 20 -6.92 -17.90 -12.61
CA LYS B 20 -6.07 -18.45 -13.66
C LYS B 20 -5.06 -17.41 -14.17
N GLN B 21 -5.54 -16.20 -14.42
CA GLN B 21 -4.69 -15.17 -14.99
C GLN B 21 -3.60 -14.71 -14.03
N VAL B 22 -3.96 -14.49 -12.77
CA VAL B 22 -3.00 -14.01 -11.78
C VAL B 22 -1.94 -15.05 -11.48
N THR B 23 -2.32 -16.32 -11.62
CA THR B 23 -1.40 -17.43 -11.41
C THR B 23 -0.41 -17.58 -12.57
N SER B 24 -0.90 -17.49 -13.81
CA SER B 24 -0.05 -17.68 -14.96
C SER B 24 0.95 -16.52 -15.13
N GLU B 25 0.54 -15.32 -14.73
CA GLU B 25 1.43 -14.17 -14.84
C GLU B 25 2.41 -14.09 -13.67
N ASN B 26 2.19 -14.92 -12.65
CA ASN B 26 3.02 -14.89 -11.44
C ASN B 26 3.46 -16.28 -10.99
N PRO B 27 3.97 -17.10 -11.92
CA PRO B 27 4.24 -18.50 -11.61
C PRO B 27 5.34 -18.66 -10.56
N ASP B 28 6.16 -17.63 -10.39
CA ASP B 28 7.25 -17.66 -9.42
C ASP B 28 6.73 -17.47 -8.00
N LEU B 29 5.49 -17.01 -7.88
CA LEU B 29 4.95 -16.64 -6.58
C LEU B 29 3.59 -17.27 -6.26
N ILE B 30 2.86 -17.70 -7.28
CA ILE B 30 1.51 -18.26 -7.06
C ILE B 30 1.33 -19.63 -7.70
N SER B 31 0.75 -20.56 -6.93
CA SER B 31 0.31 -21.86 -7.43
C SER B 31 -1.21 -22.00 -7.22
N ARG B 32 -1.90 -22.60 -8.19
CA ARG B 32 -3.35 -22.72 -8.11
C ARG B 32 -3.80 -24.17 -8.17
N THR B 33 -4.69 -24.57 -7.27
CA THR B 33 -5.33 -25.89 -7.31
C THR B 33 -6.83 -25.79 -7.05
N ALA B 34 -7.55 -26.87 -7.36
CA ALA B 34 -8.95 -27.01 -6.97
C ALA B 34 -9.03 -28.04 -5.85
N ILE B 35 -9.59 -27.64 -4.70
CA ILE B 35 -9.62 -28.53 -3.54
C ILE B 35 -10.91 -29.32 -3.47
N GLY B 36 -11.77 -29.13 -4.46
CA GLY B 36 -13.01 -29.85 -4.50
C GLY B 36 -14.02 -29.10 -5.34
N THR B 37 -15.23 -29.63 -5.39
CA THR B 37 -16.29 -29.05 -6.21
C THR B 37 -17.52 -28.74 -5.37
N THR B 38 -18.27 -27.73 -5.79
CA THR B 38 -19.47 -27.31 -5.07
C THR B 38 -20.64 -28.26 -5.35
N PHE B 39 -21.75 -28.02 -4.66
CA PHE B 39 -22.98 -28.77 -4.90
C PHE B 39 -23.35 -28.71 -6.38
N LEU B 40 -23.20 -27.55 -7.00
CA LEU B 40 -23.60 -27.38 -8.38
C LEU B 40 -22.47 -27.73 -9.36
N GLY B 41 -21.33 -28.15 -8.83
CA GLY B 41 -20.25 -28.62 -9.67
C GLY B 41 -19.22 -27.58 -10.06
N ASN B 42 -19.18 -26.45 -9.34
CA ASN B 42 -18.16 -25.45 -9.61
C ASN B 42 -16.84 -25.77 -8.87
N ASN B 43 -15.71 -25.54 -9.54
CA ASN B 43 -14.40 -25.78 -8.94
C ASN B 43 -14.12 -24.78 -7.81
N ILE B 44 -13.67 -25.29 -6.67
CA ILE B 44 -13.32 -24.47 -5.52
C ILE B 44 -11.81 -24.23 -5.54
N TYR B 45 -11.40 -23.05 -6.01
CA TYR B 45 -9.98 -22.82 -6.20
C TYR B 45 -9.26 -22.36 -4.94
N LEU B 46 -8.00 -22.77 -4.82
CA LEU B 46 -7.14 -22.32 -3.74
C LEU B 46 -5.83 -21.80 -4.33
N LEU B 47 -5.48 -20.57 -4.00
CA LEU B 47 -4.23 -20.00 -4.44
C LEU B 47 -3.18 -20.16 -3.33
N LYS B 48 -2.01 -20.64 -3.70
CA LYS B 48 -0.91 -20.78 -2.75
C LYS B 48 0.16 -19.74 -3.05
N VAL B 49 0.31 -18.76 -2.17
CA VAL B 49 1.12 -17.56 -2.45
C VAL B 49 2.37 -17.52 -1.61
N GLY B 50 3.52 -17.53 -2.27
CA GLY B 50 4.78 -17.55 -1.54
C GLY B 50 5.91 -18.04 -2.42
N LYS B 51 7.13 -17.57 -2.14
CA LYS B 51 8.32 -18.11 -2.78
C LYS B 51 8.44 -19.58 -2.40
N PRO B 52 8.25 -20.48 -3.36
CA PRO B 52 8.25 -21.92 -3.08
C PRO B 52 9.51 -22.35 -2.35
N GLY B 53 9.35 -23.25 -1.39
CA GLY B 53 10.46 -23.66 -0.54
C GLY B 53 10.15 -24.90 0.25
N PRO B 54 11.15 -25.49 0.91
CA PRO B 54 11.01 -26.70 1.73
C PRO B 54 10.47 -26.41 3.13
N ASN B 55 9.50 -27.22 3.55
CA ASN B 55 9.04 -27.20 4.95
C ASN B 55 8.53 -25.82 5.38
N LYS B 56 7.94 -25.07 4.47
CA LYS B 56 7.40 -23.76 4.80
C LYS B 56 6.11 -23.89 5.63
N PRO B 57 6.05 -23.17 6.76
CA PRO B 57 4.77 -23.00 7.48
C PRO B 57 3.82 -22.18 6.60
N ALA B 58 2.56 -22.12 7.00
CA ALA B 58 1.54 -21.47 6.19
C ALA B 58 0.50 -20.74 7.02
N ILE B 59 -0.15 -19.76 6.40
CA ILE B 59 -1.33 -19.13 6.96
C ILE B 59 -2.45 -19.39 5.95
N PHE B 60 -3.63 -19.73 6.45
CA PHE B 60 -4.76 -20.04 5.57
C PHE B 60 -5.84 -18.98 5.72
N MET B 61 -6.34 -18.48 4.59
CA MET B 61 -7.37 -17.46 4.61
C MET B 61 -8.44 -17.74 3.56
N ASP B 62 -9.69 -17.66 3.97
CA ASP B 62 -10.79 -17.83 3.03
C ASP B 62 -11.72 -16.65 3.06
N CYS B 63 -12.36 -16.40 1.92
CA CYS B 63 -13.38 -15.37 1.80
C CYS B 63 -14.62 -15.99 1.17
N GLY B 64 -15.76 -15.33 1.36
CA GLY B 64 -16.96 -15.75 0.65
C GLY B 64 -17.60 -17.02 1.19
N PHE B 65 -17.48 -17.26 2.49
CA PHE B 65 -18.32 -18.26 3.17
C PHE B 65 -19.79 -17.97 2.90
N HIS B 66 -20.18 -16.72 3.06
CA HIS B 66 -21.59 -16.35 2.95
C HIS B 66 -21.84 -15.52 1.68
N ALA B 67 -22.87 -15.89 0.93
CA ALA B 67 -23.09 -15.37 -0.41
C ALA B 67 -23.13 -13.84 -0.53
N ARG B 68 -23.81 -13.18 0.42
CA ARG B 68 -24.15 -11.76 0.30
C ARG B 68 -23.05 -10.80 0.73
N GLU B 69 -22.05 -11.33 1.44
CA GLU B 69 -20.99 -10.52 2.01
C GLU B 69 -19.90 -10.19 0.97
N TRP B 70 -20.28 -9.50 -0.09
CA TRP B 70 -19.42 -9.28 -1.26
C TRP B 70 -18.07 -8.62 -0.99
N ILE B 71 -17.96 -7.82 0.06
CA ILE B 71 -16.70 -7.18 0.40
C ILE B 71 -15.69 -8.24 0.85
N SER B 72 -16.19 -9.39 1.31
CA SER B 72 -15.29 -10.49 1.69
C SER B 72 -14.56 -10.99 0.46
N HIS B 73 -15.31 -11.29 -0.59
CA HIS B 73 -14.78 -11.84 -1.83
C HIS B 73 -13.76 -10.86 -2.41
N ALA B 74 -14.12 -9.59 -2.37
CA ALA B 74 -13.25 -8.53 -2.85
C ALA B 74 -11.89 -8.53 -2.13
N PHE B 75 -11.89 -8.77 -0.82
CA PHE B 75 -10.64 -8.64 -0.07
C PHE B 75 -9.59 -9.69 -0.42
N CYS B 76 -10.00 -10.94 -0.59
CA CYS B 76 -9.04 -11.99 -0.95
C CYS B 76 -8.31 -11.63 -2.23
N GLN B 77 -9.05 -11.12 -3.22
CA GLN B 77 -8.47 -10.71 -4.49
C GLN B 77 -7.51 -9.55 -4.33
N TRP B 78 -7.91 -8.57 -3.51
CA TRP B 78 -7.07 -7.41 -3.26
C TRP B 78 -5.77 -7.88 -2.62
N PHE B 79 -5.89 -8.83 -1.71
CA PHE B 79 -4.74 -9.33 -0.99
C PHE B 79 -3.71 -9.91 -1.95
N VAL B 80 -4.14 -10.80 -2.83
CA VAL B 80 -3.20 -11.52 -3.68
C VAL B 80 -2.40 -10.57 -4.56
N ARG B 81 -3.04 -9.51 -5.05
CA ARG B 81 -2.31 -8.55 -5.87
C ARG B 81 -1.26 -7.79 -5.06
N GLU B 82 -1.64 -7.37 -3.86
CA GLU B 82 -0.73 -6.62 -3.00
C GLU B 82 0.55 -7.41 -2.71
N ALA B 83 0.38 -8.71 -2.45
CA ALA B 83 1.49 -9.59 -2.15
C ALA B 83 2.46 -9.71 -3.30
N VAL B 84 1.97 -9.93 -4.51
CA VAL B 84 2.86 -10.13 -5.63
C VAL B 84 3.40 -8.80 -6.17
N LEU B 85 2.72 -7.70 -5.87
CA LEU B 85 3.20 -6.40 -6.36
C LEU B 85 4.18 -5.75 -5.42
N THR B 86 4.10 -6.10 -4.13
CA THR B 86 4.99 -5.54 -3.12
C THR B 86 6.14 -6.46 -2.74
N TYR B 87 6.11 -7.68 -3.24
CA TYR B 87 7.22 -8.60 -3.03
C TYR B 87 8.50 -8.03 -3.65
N GLY B 88 9.57 -7.97 -2.84
CA GLY B 88 10.83 -7.45 -3.35
C GLY B 88 11.00 -5.96 -3.13
N TYR B 89 9.96 -5.31 -2.60
CA TYR B 89 10.00 -3.86 -2.42
C TYR B 89 9.59 -3.50 -1.00
N GLU B 90 8.48 -4.08 -0.55
CA GLU B 90 8.07 -3.92 0.83
C GLU B 90 8.69 -5.07 1.63
N SER B 91 9.60 -4.73 2.52
CA SER B 91 10.54 -5.72 3.04
C SER B 91 9.85 -6.72 3.95
N HIS B 92 8.75 -6.30 4.57
CA HIS B 92 8.03 -7.18 5.47
C HIS B 92 7.21 -8.20 4.68
N MET B 93 6.51 -7.78 3.64
CA MET B 93 5.81 -8.73 2.79
C MET B 93 6.81 -9.67 2.12
N THR B 94 7.99 -9.14 1.82
CA THR B 94 9.06 -9.94 1.20
C THR B 94 9.51 -11.04 2.17
N GLU B 95 9.79 -10.66 3.40
CA GLU B 95 10.15 -11.64 4.42
C GLU B 95 9.02 -12.65 4.58
N PHE B 96 7.78 -12.16 4.59
CA PHE B 96 6.60 -13.03 4.73
C PHE B 96 6.59 -14.11 3.66
N LEU B 97 6.65 -13.67 2.40
CA LEU B 97 6.47 -14.56 1.26
C LEU B 97 7.64 -15.53 1.12
N ASN B 98 8.81 -15.09 1.55
CA ASN B 98 9.99 -15.94 1.52
C ASN B 98 9.93 -17.04 2.57
N LYS B 99 9.36 -16.73 3.74
CA LYS B 99 9.44 -17.65 4.86
C LYS B 99 8.21 -18.54 5.03
N LEU B 100 7.05 -18.06 4.59
CA LEU B 100 5.82 -18.83 4.75
C LEU B 100 4.99 -18.76 3.48
N ASP B 101 3.90 -19.52 3.45
CA ASP B 101 2.98 -19.53 2.33
C ASP B 101 1.61 -19.02 2.80
N PHE B 102 0.92 -18.29 1.93
CA PHE B 102 -0.48 -17.95 2.15
C PHE B 102 -1.35 -18.84 1.29
N TYR B 103 -2.21 -19.60 1.95
CA TYR B 103 -3.28 -20.26 1.23
C TYR B 103 -4.46 -19.32 1.17
N VAL B 104 -4.84 -18.93 -0.03
CA VAL B 104 -5.98 -18.06 -0.17
C VAL B 104 -7.12 -18.77 -0.90
N LEU B 105 -8.24 -18.92 -0.20
CA LEU B 105 -9.45 -19.45 -0.82
C LEU B 105 -10.38 -18.28 -1.14
N PRO B 106 -10.35 -17.82 -2.40
CA PRO B 106 -11.02 -16.57 -2.78
C PRO B 106 -12.55 -16.61 -2.63
N VAL B 107 -13.17 -17.74 -2.99
CA VAL B 107 -14.60 -17.94 -2.73
C VAL B 107 -14.90 -19.39 -2.34
N LEU B 108 -15.44 -19.60 -1.13
CA LEU B 108 -15.83 -20.95 -0.72
C LEU B 108 -17.22 -21.26 -1.27
N ASN B 109 -18.20 -20.44 -0.88
CA ASN B 109 -19.59 -20.68 -1.25
C ASN B 109 -19.90 -20.12 -2.64
N ILE B 110 -19.38 -20.79 -3.65
CA ILE B 110 -19.45 -20.29 -5.01
C ILE B 110 -20.88 -20.26 -5.56
N ASP B 111 -21.64 -21.31 -5.29
CA ASP B 111 -23.00 -21.41 -5.80
C ASP B 111 -23.86 -20.32 -5.20
N GLY B 112 -23.71 -20.12 -3.89
CA GLY B 112 -24.46 -19.08 -3.21
C GLY B 112 -24.13 -17.75 -3.84
N TYR B 113 -22.85 -17.50 -4.07
CA TYR B 113 -22.42 -16.21 -4.61
C TYR B 113 -23.08 -15.93 -5.96
N ILE B 114 -23.16 -16.94 -6.81
CA ILE B 114 -23.80 -16.80 -8.12
C ILE B 114 -25.29 -16.50 -8.00
N TYR B 115 -25.91 -17.04 -6.96
CA TYR B 115 -27.32 -16.82 -6.76
C TYR B 115 -27.56 -15.36 -6.39
N THR B 116 -26.65 -14.77 -5.62
CA THR B 116 -26.84 -13.37 -5.22
C THR B 116 -26.65 -12.41 -6.37
N TRP B 117 -26.03 -12.88 -7.46
CA TRP B 117 -25.85 -12.04 -8.65
C TRP B 117 -27.06 -12.15 -9.58
N THR B 118 -27.71 -13.30 -9.56
CA THR B 118 -28.74 -13.61 -10.54
C THR B 118 -30.18 -13.61 -10.00
N LYS B 119 -30.35 -13.89 -8.71
CA LYS B 119 -31.68 -14.05 -8.15
C LYS B 119 -31.97 -13.29 -6.86
N ASN B 120 -31.11 -13.46 -5.85
CA ASN B 120 -31.38 -12.87 -4.53
C ASN B 120 -30.12 -12.31 -3.89
N ARG B 121 -29.94 -11.00 -4.01
CA ARG B 121 -28.71 -10.35 -3.51
C ARG B 121 -28.47 -10.60 -2.02
N MET B 122 -29.54 -10.90 -1.29
CA MET B 122 -29.43 -11.11 0.15
C MET B 122 -29.34 -12.59 0.55
N TRP B 123 -29.00 -13.45 -0.40
CA TRP B 123 -28.86 -14.88 -0.08
C TRP B 123 -27.60 -15.12 0.77
N ARG B 124 -27.65 -16.14 1.64
CA ARG B 124 -26.55 -16.37 2.57
C ARG B 124 -25.97 -17.78 2.42
N LYS B 125 -26.84 -18.79 2.42
CA LYS B 125 -26.44 -20.18 2.55
C LYS B 125 -25.86 -20.77 1.27
N THR B 126 -25.65 -22.08 1.26
CA THR B 126 -25.27 -22.79 0.04
C THR B 126 -26.52 -22.97 -0.82
N ARG B 127 -26.42 -23.71 -1.92
CA ARG B 127 -27.59 -23.97 -2.75
C ARG B 127 -27.92 -25.46 -2.89
N SER B 128 -27.43 -26.28 -1.96
CA SER B 128 -27.78 -27.70 -1.93
C SER B 128 -29.24 -27.90 -1.54
N THR B 129 -29.83 -28.96 -2.09
CA THR B 129 -31.22 -29.31 -1.78
C THR B 129 -31.34 -30.01 -0.42
N ASN B 130 -32.52 -29.92 0.19
CA ASN B 130 -32.78 -30.57 1.46
C ASN B 130 -34.00 -31.48 1.35
N ALA B 131 -33.92 -32.66 1.97
CA ALA B 131 -34.97 -33.66 1.81
C ALA B 131 -36.30 -33.24 2.45
N GLY B 132 -37.39 -33.53 1.76
CA GLY B 132 -38.70 -33.35 2.36
C GLY B 132 -39.12 -31.91 2.47
N THR B 133 -38.42 -31.05 1.74
CA THR B 133 -38.74 -29.63 1.74
C THR B 133 -38.30 -28.96 0.45
N THR B 134 -38.87 -27.78 0.18
CA THR B 134 -38.46 -27.00 -0.98
C THR B 134 -37.43 -25.94 -0.60
N CYS B 135 -37.17 -25.80 0.70
CA CYS B 135 -36.19 -24.83 1.16
C CYS B 135 -34.76 -25.25 0.80
N ILE B 136 -33.97 -24.28 0.35
CA ILE B 136 -32.66 -24.54 -0.20
C ILE B 136 -31.55 -24.03 0.72
N GLY B 137 -30.49 -24.81 0.88
CA GLY B 137 -29.26 -24.30 1.45
C GLY B 137 -28.97 -24.61 2.91
N THR B 138 -27.67 -24.77 3.21
CA THR B 138 -27.16 -24.90 4.57
C THR B 138 -26.18 -23.75 4.87
N ASP B 139 -26.30 -23.16 6.05
CA ASP B 139 -25.33 -22.16 6.51
C ASP B 139 -23.96 -22.86 6.63
N PRO B 140 -23.01 -22.50 5.76
CA PRO B 140 -21.73 -23.22 5.79
C PRO B 140 -20.96 -23.03 7.10
N ASN B 141 -21.15 -21.87 7.74
CA ASN B 141 -20.44 -21.59 8.99
C ASN B 141 -21.24 -22.07 10.20
N ARG B 142 -22.23 -22.94 9.94
CA ARG B 142 -22.89 -23.68 11.01
C ARG B 142 -22.73 -25.19 10.80
N ASN B 143 -21.91 -25.56 9.81
CA ASN B 143 -21.87 -26.92 9.30
C ASN B 143 -20.57 -27.65 9.67
N PHE B 144 -19.73 -27.03 10.49
CA PHE B 144 -18.48 -27.66 10.89
C PHE B 144 -18.62 -28.44 12.20
N ASP B 145 -17.68 -29.34 12.45
CA ASP B 145 -17.75 -30.22 13.60
C ASP B 145 -17.19 -29.57 14.86
N ALA B 146 -17.87 -28.53 15.32
CA ALA B 146 -17.49 -27.82 16.53
C ALA B 146 -18.75 -27.60 17.36
N GLY B 147 -18.97 -28.48 18.33
CA GLY B 147 -20.22 -28.45 19.07
C GLY B 147 -21.41 -28.41 18.14
N TRP B 148 -21.27 -29.08 16.99
CA TRP B 148 -22.20 -28.91 15.88
C TRP B 148 -23.68 -28.85 16.29
N CYS B 149 -24.34 -27.78 15.86
CA CYS B 149 -25.79 -27.60 15.99
C CYS B 149 -26.31 -27.58 17.42
N THR B 150 -25.47 -27.19 18.37
CA THR B 150 -25.88 -27.19 19.77
C THR B 150 -26.41 -25.83 20.23
N THR B 151 -25.95 -24.77 19.59
CA THR B 151 -26.40 -23.43 19.96
C THR B 151 -26.23 -22.46 18.79
N GLY B 152 -27.06 -21.42 18.78
CA GLY B 152 -26.95 -20.40 17.76
C GLY B 152 -27.06 -20.93 16.35
N ALA B 153 -27.71 -22.09 16.18
CA ALA B 153 -27.98 -22.66 14.87
C ALA B 153 -29.39 -23.27 14.83
N SER B 154 -29.96 -23.38 13.64
CA SER B 154 -31.31 -23.91 13.48
C SER B 154 -31.30 -25.30 12.84
N THR B 155 -32.25 -26.13 13.25
CA THR B 155 -32.42 -27.44 12.64
C THR B 155 -33.47 -27.39 11.52
N ASP B 156 -34.02 -26.20 11.27
CA ASP B 156 -35.02 -26.02 10.22
C ASP B 156 -34.34 -25.53 8.93
N PRO B 157 -34.43 -26.33 7.87
CA PRO B 157 -33.76 -26.08 6.59
C PRO B 157 -34.13 -24.73 5.99
N CYS B 158 -35.18 -24.12 6.51
CA CYS B 158 -35.66 -22.88 5.93
C CYS B 158 -35.06 -21.66 6.59
N ASP B 159 -34.24 -21.86 7.62
CA ASP B 159 -33.65 -20.74 8.34
C ASP B 159 -32.26 -20.36 7.81
N GLU B 160 -31.85 -19.12 8.05
CA GLU B 160 -30.57 -18.64 7.54
C GLU B 160 -29.38 -19.32 8.19
N THR B 161 -29.58 -19.85 9.39
CA THR B 161 -28.51 -20.53 10.11
C THR B 161 -28.74 -22.03 10.22
N TYR B 162 -29.42 -22.60 9.24
CA TYR B 162 -29.62 -24.05 9.19
C TYR B 162 -28.29 -24.78 9.29
N CYS B 163 -28.21 -25.79 10.16
CA CYS B 163 -26.93 -26.40 10.46
C CYS B 163 -26.60 -27.60 9.54
N GLY B 164 -27.50 -27.90 8.61
CA GLY B 164 -27.25 -28.99 7.69
C GLY B 164 -27.72 -30.33 8.24
N SER B 165 -27.59 -31.37 7.42
CA SER B 165 -28.07 -32.70 7.79
C SER B 165 -27.13 -33.34 8.81
N ALA B 166 -25.85 -33.04 8.68
CA ALA B 166 -24.82 -33.53 9.58
C ALA B 166 -23.65 -32.56 9.47
N ALA B 167 -22.72 -32.62 10.42
CA ALA B 167 -21.48 -31.86 10.30
C ALA B 167 -20.76 -32.26 9.00
N GLU B 168 -20.32 -31.26 8.24
CA GLU B 168 -19.65 -31.47 6.95
C GLU B 168 -20.53 -32.10 5.87
N SER B 169 -21.85 -31.95 6.01
CA SER B 169 -22.78 -32.43 5.01
C SER B 169 -22.55 -31.74 3.67
N GLU B 170 -22.05 -30.51 3.72
CA GLU B 170 -21.88 -29.75 2.49
C GLU B 170 -20.57 -30.10 1.81
N LYS B 171 -20.58 -30.23 0.49
CA LYS B 171 -19.36 -30.57 -0.25
C LYS B 171 -18.29 -29.52 0.01
N GLU B 172 -18.69 -28.26 0.12
CA GLU B 172 -17.76 -27.15 0.23
C GLU B 172 -17.04 -27.15 1.59
N THR B 173 -17.79 -27.41 2.65
CA THR B 173 -17.22 -27.40 3.99
C THR B 173 -16.41 -28.67 4.20
N LYS B 174 -16.87 -29.76 3.59
CA LYS B 174 -16.13 -31.02 3.64
C LYS B 174 -14.80 -30.84 2.94
N ALA B 175 -14.81 -30.10 1.84
CA ALA B 175 -13.60 -29.85 1.07
C ALA B 175 -12.62 -28.97 1.84
N LEU B 176 -13.16 -27.98 2.55
CA LEU B 176 -12.33 -27.08 3.34
C LEU B 176 -11.74 -27.84 4.53
N ALA B 177 -12.58 -28.57 5.26
CA ALA B 177 -12.11 -29.36 6.39
C ALA B 177 -11.07 -30.37 5.93
N ASP B 178 -11.34 -31.04 4.81
CA ASP B 178 -10.42 -32.04 4.28
C ASP B 178 -9.05 -31.44 3.97
N PHE B 179 -9.04 -30.30 3.29
CA PHE B 179 -7.75 -29.66 3.00
C PHE B 179 -6.98 -29.39 4.28
N ILE B 180 -7.63 -28.73 5.25
CA ILE B 180 -6.92 -28.30 6.44
C ILE B 180 -6.44 -29.47 7.30
N ARG B 181 -7.23 -30.53 7.34
CA ARG B 181 -6.83 -31.75 8.04
C ARG B 181 -5.57 -32.33 7.41
N ASN B 182 -5.49 -32.27 6.09
CA ASN B 182 -4.35 -32.84 5.39
C ASN B 182 -3.10 -31.99 5.57
N ASN B 183 -3.27 -30.73 5.96
CA ASN B 183 -2.13 -29.81 6.04
C ASN B 183 -1.89 -29.22 7.44
N LEU B 184 -2.27 -29.98 8.47
CA LEU B 184 -2.27 -29.47 9.84
C LEU B 184 -0.88 -29.14 10.35
N SER B 185 0.13 -29.84 9.84
CA SER B 185 1.50 -29.63 10.30
C SER B 185 2.02 -28.27 9.86
N SER B 186 1.50 -27.75 8.76
CA SER B 186 2.03 -26.53 8.14
C SER B 186 1.27 -25.28 8.53
N ILE B 187 -0.05 -25.39 8.62
CA ILE B 187 -0.92 -24.23 8.85
C ILE B 187 -0.79 -23.73 10.28
N LYS B 188 -0.34 -22.49 10.42
CA LYS B 188 -0.12 -21.91 11.73
C LYS B 188 -1.26 -20.98 12.16
N ALA B 189 -1.87 -20.31 11.19
CA ALA B 189 -3.00 -19.44 11.48
C ALA B 189 -4.13 -19.72 10.50
N TYR B 190 -5.36 -19.49 10.95
CA TYR B 190 -6.54 -19.63 10.11
C TYR B 190 -7.35 -18.35 10.20
N LEU B 191 -7.62 -17.74 9.04
CA LEU B 191 -8.26 -16.44 8.99
C LEU B 191 -9.47 -16.49 8.07
N THR B 192 -10.65 -16.11 8.56
CA THR B 192 -11.85 -16.24 7.76
C THR B 192 -12.66 -14.95 7.70
N ILE B 193 -12.93 -14.51 6.47
CA ILE B 193 -13.36 -13.14 6.23
C ILE B 193 -14.86 -13.05 6.00
N HIS B 194 -15.54 -12.25 6.84
CA HIS B 194 -16.96 -11.95 6.69
C HIS B 194 -17.21 -10.44 6.69
N SER B 195 -18.46 -10.05 6.45
CA SER B 195 -18.92 -8.70 6.79
C SER B 195 -20.33 -8.83 7.37
N TYR B 196 -20.86 -7.79 8.02
CA TYR B 196 -20.15 -6.55 8.33
C TYR B 196 -20.14 -6.36 9.86
N SER B 197 -19.72 -5.17 10.32
CA SER B 197 -19.78 -4.74 11.73
C SER B 197 -18.42 -4.39 12.31
N GLN B 198 -17.37 -4.58 11.52
CA GLN B 198 -16.05 -4.08 11.89
C GLN B 198 -15.57 -4.65 13.22
N MET B 199 -15.18 -5.92 13.20
CA MET B 199 -14.55 -6.51 14.37
C MET B 199 -13.65 -7.70 14.08
N ILE B 200 -12.83 -8.05 15.07
CA ILE B 200 -12.01 -9.25 15.02
C ILE B 200 -12.42 -10.20 16.15
N LEU B 201 -12.84 -11.40 15.78
CA LEU B 201 -13.30 -12.40 16.74
C LEU B 201 -12.35 -13.59 16.81
N TYR B 202 -12.19 -14.14 18.00
CA TYR B 202 -11.50 -15.42 18.17
C TYR B 202 -12.36 -16.39 18.99
N PRO B 203 -11.95 -17.67 19.08
CA PRO B 203 -12.83 -18.65 19.72
C PRO B 203 -13.09 -18.31 21.19
N TYR B 204 -14.15 -18.85 21.78
CA TYR B 204 -15.10 -19.73 21.10
C TYR B 204 -16.45 -19.04 20.86
N SER B 205 -17.15 -19.48 19.83
CA SER B 205 -18.54 -19.08 19.64
C SER B 205 -19.51 -20.20 20.00
N TYR B 206 -19.07 -21.46 19.92
CA TYR B 206 -19.96 -22.56 20.27
C TYR B 206 -20.07 -22.78 21.77
N ASP B 207 -19.25 -22.07 22.54
CA ASP B 207 -19.33 -22.17 23.99
C ASP B 207 -18.70 -20.94 24.63
N TYR B 208 -19.24 -20.53 25.77
CA TYR B 208 -18.74 -19.38 26.49
C TYR B 208 -17.35 -19.62 27.09
N LYS B 209 -16.93 -20.87 27.18
CA LYS B 209 -15.60 -21.15 27.70
C LYS B 209 -14.58 -20.37 26.87
N LEU B 210 -13.43 -20.08 27.47
CA LEU B 210 -12.42 -19.29 26.80
C LEU B 210 -11.30 -20.17 26.29
N PRO B 211 -10.70 -19.80 25.15
CA PRO B 211 -9.58 -20.59 24.61
C PRO B 211 -8.42 -20.56 25.59
N GLU B 212 -7.58 -21.59 25.54
CA GLU B 212 -6.48 -21.73 26.49
C GLU B 212 -5.50 -20.57 26.40
N ASN B 213 -5.36 -19.99 25.21
CA ASN B 213 -4.48 -18.84 25.01
C ASN B 213 -5.31 -17.57 24.83
N ASN B 214 -6.34 -17.44 25.67
CA ASN B 214 -7.23 -16.30 25.61
C ASN B 214 -6.49 -14.97 25.71
N ALA B 215 -5.63 -14.87 26.72
CA ALA B 215 -4.87 -13.64 26.95
C ALA B 215 -4.12 -13.22 25.69
N GLU B 216 -3.42 -14.17 25.09
CA GLU B 216 -2.57 -13.90 23.94
C GLU B 216 -3.42 -13.39 22.77
N LEU B 217 -4.52 -14.08 22.50
CA LEU B 217 -5.39 -13.71 21.39
C LEU B 217 -6.03 -12.34 21.59
N ASN B 218 -6.47 -12.05 22.81
CA ASN B 218 -7.11 -10.77 23.07
C ASN B 218 -6.13 -9.63 22.81
N ASN B 219 -4.86 -9.84 23.14
CA ASN B 219 -3.84 -8.82 23.01
C ASN B 219 -3.43 -8.64 21.56
N LEU B 220 -3.39 -9.74 20.82
CA LEU B 220 -3.12 -9.71 19.39
C LEU B 220 -4.25 -8.95 18.67
N ALA B 221 -5.49 -9.36 18.92
CA ALA B 221 -6.63 -8.74 18.26
C ALA B 221 -6.62 -7.25 18.56
N LYS B 222 -6.18 -6.91 19.76
CA LYS B 222 -6.19 -5.54 20.23
C LYS B 222 -5.18 -4.73 19.43
N ALA B 223 -3.97 -5.28 19.29
CA ALA B 223 -2.92 -4.64 18.51
C ALA B 223 -3.30 -4.59 17.03
N ALA B 224 -4.03 -5.60 16.58
CA ALA B 224 -4.50 -5.65 15.20
C ALA B 224 -5.49 -4.52 14.89
N VAL B 225 -6.47 -4.30 15.77
CA VAL B 225 -7.45 -3.25 15.52
C VAL B 225 -6.82 -1.88 15.63
N LYS B 226 -5.87 -1.71 16.54
CA LYS B 226 -5.12 -0.47 16.66
C LYS B 226 -4.39 -0.19 15.34
N GLU B 227 -3.71 -1.20 14.83
CA GLU B 227 -3.01 -1.09 13.56
C GLU B 227 -3.97 -0.69 12.44
N LEU B 228 -5.07 -1.42 12.30
CA LEU B 228 -6.03 -1.18 11.22
C LEU B 228 -6.51 0.26 11.22
N ALA B 229 -6.62 0.83 12.41
CA ALA B 229 -7.21 2.16 12.54
C ALA B 229 -6.27 3.29 12.14
N THR B 230 -4.97 3.02 12.10
CA THR B 230 -4.01 4.09 11.80
C THR B 230 -4.22 4.68 10.41
N LEU B 231 -4.85 3.91 9.53
CA LEU B 231 -4.97 4.35 8.16
C LEU B 231 -6.11 5.36 7.98
N TYR B 232 -7.32 4.93 8.28
CA TYR B 232 -8.48 5.81 8.10
C TYR B 232 -9.21 6.13 9.39
N GLY B 233 -8.72 5.60 10.50
CA GLY B 233 -9.40 5.81 11.77
C GLY B 233 -10.60 4.90 11.97
N THR B 234 -10.74 3.90 11.12
CA THR B 234 -11.88 2.97 11.23
C THR B 234 -11.78 2.20 12.54
N LYS B 235 -12.86 2.22 13.32
CA LYS B 235 -12.81 1.59 14.63
C LYS B 235 -13.41 0.18 14.59
N TYR B 236 -12.62 -0.76 15.09
CA TYR B 236 -13.01 -2.17 15.17
C TYR B 236 -13.08 -2.56 16.64
N THR B 237 -14.01 -3.44 16.98
CA THR B 237 -13.99 -4.06 18.29
C THR B 237 -13.59 -5.52 18.18
N TYR B 238 -13.42 -6.18 19.31
CA TYR B 238 -12.78 -7.50 19.30
C TYR B 238 -13.05 -8.29 20.56
N GLY B 239 -12.87 -9.60 20.47
CA GLY B 239 -13.05 -10.46 21.64
C GLY B 239 -13.56 -11.82 21.23
N PRO B 240 -13.86 -12.71 22.20
CA PRO B 240 -14.39 -14.04 21.89
C PRO B 240 -15.72 -13.94 21.16
N GLY B 241 -15.97 -14.84 20.22
CA GLY B 241 -17.17 -14.73 19.41
C GLY B 241 -18.45 -14.78 20.20
N ALA B 242 -18.48 -15.59 21.25
CA ALA B 242 -19.75 -15.90 21.93
C ALA B 242 -20.32 -14.70 22.65
N THR B 243 -19.45 -13.87 23.21
CA THR B 243 -19.88 -12.72 23.98
C THR B 243 -19.81 -11.42 23.18
N THR B 244 -19.02 -11.42 22.10
CA THR B 244 -18.80 -10.19 21.34
C THR B 244 -19.78 -10.04 20.19
N ILE B 245 -20.28 -11.17 19.69
CA ILE B 245 -21.36 -11.12 18.71
C ILE B 245 -22.54 -11.94 19.20
N TYR B 246 -22.42 -13.26 19.16
CA TYR B 246 -23.45 -14.13 19.71
C TYR B 246 -23.00 -15.58 19.72
N PRO B 247 -23.58 -16.40 20.60
CA PRO B 247 -23.32 -17.84 20.59
C PRO B 247 -23.76 -18.45 19.27
N ALA B 248 -22.93 -19.34 18.74
CA ALA B 248 -23.22 -19.99 17.47
C ALA B 248 -22.25 -21.14 17.30
N ALA B 249 -22.80 -22.33 17.09
CA ALA B 249 -21.98 -23.53 17.03
C ALA B 249 -21.67 -23.84 15.56
N GLY B 250 -20.63 -24.64 15.34
CA GLY B 250 -20.39 -25.16 14.00
C GLY B 250 -19.54 -24.27 13.12
N GLY B 251 -18.87 -23.28 13.73
CA GLY B 251 -18.08 -22.35 12.94
C GLY B 251 -16.72 -22.91 12.59
N SER B 252 -16.19 -22.49 11.44
CA SER B 252 -14.91 -23.02 10.97
C SER B 252 -13.76 -22.48 11.81
N ASP B 253 -13.92 -21.28 12.35
CA ASP B 253 -12.88 -20.70 13.18
C ASP B 253 -12.69 -21.50 14.48
N ASP B 254 -13.80 -21.89 15.09
CA ASP B 254 -13.77 -22.73 16.29
C ASP B 254 -13.23 -24.12 15.96
N TRP B 255 -13.66 -24.67 14.83
CA TRP B 255 -13.17 -25.97 14.41
C TRP B 255 -11.66 -25.94 14.17
N ALA B 256 -11.21 -24.96 13.41
CA ALA B 256 -9.79 -24.86 13.10
C ALA B 256 -9.01 -24.82 14.40
N TYR B 257 -9.51 -24.06 15.37
CA TYR B 257 -8.79 -23.88 16.63
C TYR B 257 -8.69 -25.19 17.38
N ASP B 258 -9.79 -25.95 17.44
CA ASP B 258 -9.77 -27.23 18.14
C ASP B 258 -9.00 -28.28 17.35
N GLN B 259 -8.58 -27.95 16.13
CA GLN B 259 -7.66 -28.82 15.41
C GLN B 259 -6.22 -28.55 15.81
N GLY B 260 -5.97 -27.41 16.46
CA GLY B 260 -4.63 -27.11 16.91
C GLY B 260 -4.03 -25.89 16.24
N ILE B 261 -4.80 -25.24 15.37
CA ILE B 261 -4.37 -23.96 14.81
C ILE B 261 -4.69 -22.86 15.82
N LYS B 262 -3.67 -22.48 16.58
CA LYS B 262 -3.82 -21.69 17.79
C LYS B 262 -4.14 -20.23 17.50
N TYR B 263 -3.87 -19.79 16.27
CA TYR B 263 -4.26 -18.45 15.87
C TYR B 263 -5.38 -18.55 14.86
N SER B 264 -6.61 -18.32 15.32
CA SER B 264 -7.80 -18.49 14.50
C SER B 264 -8.68 -17.25 14.71
N PHE B 265 -8.97 -16.52 13.62
CA PHE B 265 -9.71 -15.26 13.72
C PHE B 265 -10.79 -15.16 12.65
N THR B 266 -11.95 -14.65 13.02
CA THR B 266 -12.98 -14.25 12.07
C THR B 266 -12.97 -12.74 11.94
N PHE B 267 -12.85 -12.23 10.71
CA PHE B 267 -12.89 -10.79 10.51
C PHE B 267 -14.25 -10.35 10.00
N GLU B 268 -14.79 -9.31 10.63
CA GLU B 268 -15.95 -8.60 10.09
C GLU B 268 -15.48 -7.25 9.56
N LEU B 269 -15.65 -7.02 8.26
CA LEU B 269 -15.20 -5.76 7.65
C LEU B 269 -16.32 -4.72 7.65
N ARG B 270 -16.09 -3.60 6.97
CA ARG B 270 -17.05 -2.49 6.96
C ARG B 270 -18.40 -2.97 6.44
N ASP B 271 -19.47 -2.27 6.83
CA ASP B 271 -19.39 -1.15 7.77
C ASP B 271 -20.12 -1.49 9.05
N LYS B 272 -20.85 -0.53 9.61
CA LYS B 272 -21.59 -0.74 10.85
C LYS B 272 -23.09 -0.83 10.63
N GLY B 273 -23.52 -0.76 9.37
CA GLY B 273 -24.93 -0.97 9.07
C GLY B 273 -25.57 0.16 8.30
N ARG B 274 -24.77 1.13 7.88
CA ARG B 274 -25.26 2.18 7.01
C ARG B 274 -25.61 1.55 5.67
N TYR B 275 -24.70 0.73 5.18
CA TYR B 275 -24.89 0.01 3.92
C TYR B 275 -24.88 -1.48 4.14
N GLY B 276 -24.29 -1.92 5.26
CA GLY B 276 -24.32 -3.33 5.59
C GLY B 276 -23.66 -4.20 4.53
N PHE B 277 -24.39 -5.19 4.03
CA PHE B 277 -23.86 -6.14 3.05
C PHE B 277 -23.64 -5.52 1.68
N ILE B 278 -24.36 -4.44 1.38
CA ILE B 278 -24.26 -3.79 0.09
C ILE B 278 -23.32 -2.60 0.21
N LEU B 279 -22.07 -2.87 0.59
CA LEU B 279 -21.08 -1.82 0.73
C LEU B 279 -20.74 -1.22 -0.63
N PRO B 280 -20.71 0.11 -0.72
CA PRO B 280 -20.46 0.78 -2.00
C PRO B 280 -19.09 0.44 -2.58
N GLU B 281 -19.05 0.25 -3.90
CA GLU B 281 -17.82 -0.11 -4.57
C GLU B 281 -16.79 0.99 -4.36
N SER B 282 -17.27 2.21 -4.12
CA SER B 282 -16.36 3.32 -3.88
C SER B 282 -15.64 3.14 -2.55
N GLN B 283 -16.07 2.17 -1.75
CA GLN B 283 -15.40 1.90 -0.47
C GLN B 283 -14.48 0.69 -0.50
N ILE B 284 -14.50 -0.07 -1.57
CA ILE B 284 -13.72 -1.30 -1.64
C ILE B 284 -12.24 -1.06 -1.34
N GLN B 285 -11.65 -0.06 -2.00
CA GLN B 285 -10.23 0.19 -1.86
C GLN B 285 -9.84 0.51 -0.43
N ALA B 286 -10.46 1.54 0.13
CA ALA B 286 -10.13 1.96 1.49
C ALA B 286 -10.32 0.79 2.45
N THR B 287 -11.37 0.01 2.24
CA THR B 287 -11.67 -1.10 3.15
C THR B 287 -10.57 -2.15 3.09
N CYS B 288 -10.21 -2.54 1.87
CA CYS B 288 -9.18 -3.55 1.68
C CYS B 288 -7.83 -3.06 2.18
N GLU B 289 -7.54 -1.77 2.02
CA GLU B 289 -6.25 -1.26 2.45
C GLU B 289 -6.06 -1.27 3.97
N GLU B 290 -7.08 -0.84 4.73
CA GLU B 290 -6.95 -0.87 6.18
C GLU B 290 -6.95 -2.32 6.69
N THR B 291 -7.70 -3.19 6.02
CA THR B 291 -7.76 -4.59 6.42
C THR B 291 -6.41 -5.27 6.19
N MET B 292 -5.69 -4.84 5.18
CA MET B 292 -4.35 -5.39 4.93
C MET B 292 -3.43 -5.22 6.14
N LEU B 293 -3.52 -4.07 6.80
CA LEU B 293 -2.64 -3.78 7.92
C LEU B 293 -2.88 -4.76 9.07
N ALA B 294 -4.14 -5.10 9.31
CA ALA B 294 -4.48 -6.05 10.37
C ALA B 294 -3.93 -7.43 10.02
N ILE B 295 -4.17 -7.85 8.77
CA ILE B 295 -3.74 -9.16 8.29
C ILE B 295 -2.22 -9.30 8.37
N LYS B 296 -1.50 -8.26 7.95
CA LYS B 296 -0.05 -8.32 7.94
C LYS B 296 0.50 -8.29 9.36
N TYR B 297 -0.17 -7.56 10.24
CA TYR B 297 0.27 -7.50 11.63
C TYR B 297 0.15 -8.89 12.27
N VAL B 298 -0.93 -9.59 11.95
CA VAL B 298 -1.11 -10.95 12.44
C VAL B 298 -0.03 -11.87 11.86
N THR B 299 0.18 -11.78 10.54
CA THR B 299 1.17 -12.62 9.88
C THR B 299 2.55 -12.48 10.50
N ASN B 300 2.99 -11.23 10.68
CA ASN B 300 4.29 -10.97 11.28
C ASN B 300 4.37 -11.55 12.69
N TYR B 301 3.30 -11.36 13.45
CA TYR B 301 3.27 -11.93 14.79
C TYR B 301 3.36 -13.46 14.76
N VAL B 302 2.61 -14.09 13.86
CA VAL B 302 2.66 -15.54 13.71
C VAL B 302 4.09 -15.99 13.37
N LEU B 303 4.77 -15.20 12.55
CA LEU B 303 6.15 -15.49 12.18
C LEU B 303 7.07 -15.53 13.39
N GLY B 304 6.75 -14.72 14.39
CA GLY B 304 7.61 -14.63 15.55
C GLY B 304 7.30 -15.65 16.63
N HIS B 305 6.30 -16.49 16.39
CA HIS B 305 5.85 -17.44 17.39
C HIS B 305 5.63 -18.82 16.80
N LEU B 306 6.60 -19.27 16.00
CA LEU B 306 6.52 -20.58 15.36
C LEU B 306 6.95 -21.70 16.32
ZN ZN C . 7.80 8.29 -6.04
C37 414 D . 3.19 0.51 -9.37
C38 414 D . 2.96 -0.33 -10.49
C39 414 D . 4.03 -0.66 -11.37
C40 414 D . 5.34 -0.16 -11.12
C41 414 D . 5.57 0.67 -10.00
C36 414 D . 4.50 1.01 -9.12
C33 414 D . 4.74 1.83 -8.01
O32 414 D . 6.11 2.13 -7.68
C30 414 D . 6.33 2.98 -6.64
O31 414 D . 5.40 3.46 -5.95
N29 414 D . 7.63 3.24 -6.39
C25 414 D . 8.12 4.10 -5.34
C50 414 D . 9.01 3.31 -4.37
C51 414 D . 10.13 2.53 -5.12
C52 414 D . 10.93 1.60 -4.16
C53 414 D . 10.00 0.62 -3.42
C54 414 D . 8.94 1.40 -2.61
C55 414 D . 8.12 2.31 -3.54
P24 414 D . 8.88 5.58 -6.10
O34 414 D . 9.47 6.44 -5.05
O35 414 D . 7.77 6.11 -6.93
O23 414 D . 10.02 5.10 -7.12
C1 414 D . 10.45 6.07 -8.12
C2 414 D . 9.58 5.97 -9.40
O14 414 D . 9.46 7.02 -10.08
O13 414 D . 9.03 4.88 -9.64
C3 414 D . 11.98 5.97 -8.43
C8 414 D . 12.53 6.59 -9.59
C4 414 D . 12.86 5.32 -7.52
C5 414 D . 14.26 5.29 -7.77
C6 414 D . 14.79 5.91 -8.93
C7 414 D . 13.92 6.56 -9.85
N9 414 D . 14.43 7.17 -10.95
C10 414 D . 14.03 6.90 -12.20
N12 414 D . 13.14 5.91 -12.46
N11 414 D . 14.54 7.59 -13.21
ZN ZN E . -20.77 -14.25 7.29
C37 414 F . -29.94 -14.53 10.38
C38 414 F . -30.91 -15.13 11.23
C39 414 F . -30.53 -15.64 12.50
C40 414 F . -29.18 -15.58 12.92
C41 414 F . -28.20 -14.99 12.06
C36 414 F . -28.58 -14.46 10.79
C33 414 F . -27.64 -13.83 9.99
O32 414 F . -26.38 -13.44 10.61
C30 414 F . -25.48 -12.77 9.84
O31 414 F . -25.77 -12.40 8.70
N29 414 F . -24.32 -12.49 10.47
C25 414 F . -23.17 -11.82 9.85
C50 414 F . -22.83 -10.49 10.56
C51 414 F . -22.60 -10.67 12.09
C52 414 F . -22.31 -9.31 12.79
C53 414 F . -23.45 -8.29 12.53
C54 414 F . -23.67 -8.09 11.01
C55 414 F . -23.97 -9.45 10.32
P24 414 F . -21.78 -13.03 9.74
O34 414 F . -20.57 -12.36 9.21
O35 414 F . -22.39 -14.13 8.99
O23 414 F . -21.46 -13.58 11.23
C1 414 F . -20.84 -14.88 11.35
C2 414 F . -21.87 -16.03 11.35
O14 414 F . -21.54 -17.10 10.79
O13 414 F . -22.98 -15.82 11.90
C3 414 F . -19.90 -14.97 12.58
C8 414 F . -19.35 -16.23 12.95
C4 414 F . -19.48 -13.80 13.26
C5 414 F . -18.52 -13.89 14.30
C6 414 F . -17.97 -15.15 14.67
C7 414 F . -18.38 -16.32 14.00
N9 414 F . -17.80 -17.49 14.30
C10 414 F . -18.47 -18.58 14.75
N12 414 F . -19.80 -18.57 14.95
N11 414 F . -17.79 -19.69 14.99
#